data_6R30
#
_entry.id   6R30
#
_cell.length_a   96.010
_cell.length_b   64.370
_cell.length_c   87.810
_cell.angle_alpha   90.00
_cell.angle_beta   90.00
_cell.angle_gamma   90.00
#
_symmetry.space_group_name_H-M   'P 21 21 2'
#
loop_
_entity.id
_entity.type
_entity.pdbx_description
1 polymer 'Ferulic acid decarboxylase 1'
2 non-polymer 'prFMN cofactor and phenylpropiolic acid'
3 non-polymer 'MANGANESE (II) ION'
4 non-polymer 'POTASSIUM ION'
5 non-polymer 'phenylpropiolic acid'
6 water water
#
_entity_poly.entity_id   1
_entity_poly.type   'polypeptide(L)'
_entity_poly.pdbx_seq_one_letter_code
;MSAQPAHLCFRSFVEALKVDNDLVEINTPIDPNLEAAAITRRVCETNDKAPLFNNLIGMKNGLFRILGAPGSLRKSSADR
YGRLARHLALPPTASMREILDKMLSASDMPPIPPTIVPTGPCKENSLDDSEFDLTELPVPLIHKSDGGKYIQTYGMHIVQ
SPDGTWTNWSIARAMVHDKNHLTGLVIPPQHIWQIHQMWKKEGRSDVPWALAFGVPPAAIMASSMPIPDGVTEAGYVGAM
TGSSLELVKCDTNDLYVPATSEIVLEGTLSISETGPEGPFGEMHGYIFPGDTHLGAKYKVNRITYRNNAIMPMSSCGRLT
DETHTMIGSLAAAEIRKLCQQNDLPITDAFAPFESQVTWVALRVDTEKLRAMKTTSEGFRKRVGDVVFNHKAGYTIHRLV
LVGDDIDVYEGKDVLWAFSTRCRPGMDETLFEDVRGFPGIPYMGHGNGPAHRGGKVVSDALMPTEYTTGRNWEAADFNQS
YPEDLKQKVLDNWTKMGFSNLEHHHHHH
;
_entity_poly.pdbx_strand_id   A
#
# COMPACT_ATOMS: atom_id res chain seq x y z
N GLN A 4 -23.22 -4.96 8.40
CA GLN A 4 -22.19 -3.91 8.63
C GLN A 4 -21.68 -3.41 7.29
N PRO A 5 -21.37 -2.11 7.14
CA PRO A 5 -20.88 -1.58 5.86
C PRO A 5 -19.58 -2.21 5.37
N ALA A 6 -19.44 -2.30 4.04
CA ALA A 6 -18.26 -2.95 3.46
C ALA A 6 -16.92 -2.32 3.91
N HIS A 7 -16.90 -0.98 4.10
CA HIS A 7 -15.62 -0.35 4.47
C HIS A 7 -15.27 -0.57 5.95
N LEU A 8 -16.25 -1.08 6.74
CA LEU A 8 -16.06 -1.28 8.15
C LEU A 8 -16.03 -2.76 8.55
N CYS A 9 -16.15 -3.68 7.60
CA CYS A 9 -16.25 -5.11 7.93
C CYS A 9 -15.75 -5.89 6.74
N PHE A 10 -14.65 -6.65 6.91
CA PHE A 10 -14.11 -7.42 5.82
C PHE A 10 -15.08 -8.41 5.21
N ARG A 11 -15.88 -9.08 6.02
CA ARG A 11 -16.81 -10.03 5.49
C ARG A 11 -17.79 -9.34 4.54
N SER A 12 -18.26 -8.17 4.91
CA SER A 12 -19.16 -7.37 4.07
C SER A 12 -18.44 -6.90 2.81
N PHE A 13 -17.14 -6.59 2.89
CA PHE A 13 -16.34 -6.23 1.71
C PHE A 13 -16.29 -7.35 0.70
N VAL A 14 -16.12 -8.56 1.17
CA VAL A 14 -16.13 -9.75 0.24
C VAL A 14 -17.49 -9.81 -0.46
N GLU A 15 -18.58 -9.61 0.27
N GLU A 15 -18.54 -9.61 0.31
CA GLU A 15 -19.93 -9.61 -0.37
CA GLU A 15 -19.85 -9.64 -0.27
C GLU A 15 -20.06 -8.47 -1.39
C GLU A 15 -20.02 -8.52 -1.31
N ALA A 16 -19.47 -7.32 -1.07
CA ALA A 16 -19.47 -6.20 -2.01
C ALA A 16 -18.76 -6.58 -3.32
N LEU A 17 -17.62 -7.21 -3.23
CA LEU A 17 -16.94 -7.63 -4.44
C LEU A 17 -17.80 -8.60 -5.24
N LYS A 18 -18.51 -9.52 -4.60
N LYS A 18 -18.53 -9.47 -4.53
CA LYS A 18 -19.45 -10.39 -5.34
CA LYS A 18 -19.44 -10.48 -5.15
C LYS A 18 -20.51 -9.55 -6.05
C LYS A 18 -20.58 -9.74 -5.89
N VAL A 19 -21.20 -8.73 -5.26
N VAL A 19 -21.18 -8.70 -5.32
CA VAL A 19 -22.24 -7.88 -5.78
CA VAL A 19 -22.32 -8.04 -6.05
C VAL A 19 -21.77 -7.12 -7.02
C VAL A 19 -21.80 -7.05 -7.09
N ASP A 20 -20.53 -6.65 -6.98
CA ASP A 20 -19.93 -5.88 -8.08
C ASP A 20 -19.54 -6.74 -9.31
N ASN A 21 -19.76 -8.06 -9.22
CA ASN A 21 -19.30 -8.96 -10.27
C ASN A 21 -17.78 -8.84 -10.41
N ASP A 22 -17.12 -8.78 -9.25
CA ASP A 22 -15.66 -8.60 -9.15
C ASP A 22 -15.00 -9.69 -8.33
N LEU A 23 -15.68 -10.83 -8.20
N LEU A 23 -15.57 -10.88 -8.34
CA LEU A 23 -15.22 -11.97 -7.39
CA LEU A 23 -15.05 -11.91 -7.50
C LEU A 23 -15.40 -13.25 -8.20
C LEU A 23 -15.43 -13.28 -8.06
N VAL A 24 -14.43 -14.15 -8.09
CA VAL A 24 -14.58 -15.54 -8.57
C VAL A 24 -14.41 -16.45 -7.35
N GLU A 25 -15.51 -17.18 -7.04
CA GLU A 25 -15.45 -18.14 -5.93
C GLU A 25 -14.98 -19.48 -6.50
N ILE A 26 -13.94 -20.04 -5.89
N ILE A 26 -13.89 -20.04 -5.95
CA ILE A 26 -13.39 -21.31 -6.32
CA ILE A 26 -13.34 -21.35 -6.35
C ILE A 26 -13.69 -22.27 -5.18
C ILE A 26 -13.62 -22.33 -5.22
N ASN A 27 -14.56 -23.25 -5.45
CA ASN A 27 -15.09 -24.14 -4.41
C ASN A 27 -14.50 -25.57 -4.49
N THR A 28 -13.66 -25.81 -5.50
CA THR A 28 -12.90 -27.06 -5.61
C THR A 28 -11.55 -26.90 -4.93
N PRO A 29 -10.87 -28.02 -4.58
CA PRO A 29 -9.65 -27.91 -3.79
C PRO A 29 -8.54 -27.16 -4.50
N ILE A 30 -7.94 -26.21 -3.80
CA ILE A 30 -6.80 -25.43 -4.29
C ILE A 30 -5.66 -25.57 -3.30
N ASP A 31 -4.44 -25.73 -3.82
CA ASP A 31 -3.29 -25.93 -2.95
C ASP A 31 -2.72 -24.59 -2.47
N PRO A 32 -2.57 -24.38 -1.15
CA PRO A 32 -1.86 -23.18 -0.69
C PRO A 32 -0.37 -23.20 -1.05
N ASN A 33 0.18 -24.38 -1.34
CA ASN A 33 1.55 -24.44 -1.89
C ASN A 33 1.51 -23.99 -3.36
N LEU A 34 1.78 -22.71 -3.57
CA LEU A 34 1.91 -22.03 -4.88
C LEU A 34 0.63 -21.84 -5.71
N GLU A 35 -0.31 -22.80 -5.71
CA GLU A 35 -1.41 -22.70 -6.65
C GLU A 35 -2.32 -21.46 -6.39
N ALA A 36 -2.69 -21.25 -5.10
CA ALA A 36 -3.51 -20.10 -4.81
C ALA A 36 -2.82 -18.80 -5.22
N ALA A 37 -1.52 -18.69 -4.90
CA ALA A 37 -0.77 -17.48 -5.23
C ALA A 37 -0.54 -17.35 -6.75
N ALA A 38 -0.40 -18.48 -7.45
CA ALA A 38 -0.21 -18.40 -8.92
C ALA A 38 -1.48 -17.86 -9.61
N ILE A 39 -2.64 -18.37 -9.17
CA ILE A 39 -3.91 -17.86 -9.69
C ILE A 39 -4.01 -16.35 -9.39
N THR A 40 -3.71 -15.99 -8.13
CA THR A 40 -3.79 -14.58 -7.74
C THR A 40 -2.78 -13.71 -8.54
N ARG A 41 -1.59 -14.23 -8.77
CA ARG A 41 -0.60 -13.52 -9.57
C ARG A 41 -1.12 -13.23 -10.98
N ARG A 42 -1.72 -14.26 -11.60
N ARG A 42 -1.75 -14.21 -11.63
CA ARG A 42 -2.30 -14.16 -12.93
CA ARG A 42 -2.23 -13.98 -12.97
C ARG A 42 -3.40 -13.09 -12.94
C ARG A 42 -3.45 -13.05 -12.97
N VAL A 43 -4.25 -13.10 -11.92
CA VAL A 43 -5.30 -12.09 -11.75
C VAL A 43 -4.66 -10.69 -11.75
N CYS A 44 -3.63 -10.52 -10.91
CA CYS A 44 -3.01 -9.19 -10.77
C CYS A 44 -2.36 -8.68 -12.07
N GLU A 45 -1.77 -9.64 -12.85
CA GLU A 45 -1.12 -9.25 -14.08
C GLU A 45 -2.09 -8.98 -15.19
N THR A 46 -3.38 -9.37 -15.02
CA THR A 46 -4.37 -9.20 -16.07
C THR A 46 -5.57 -8.38 -15.62
N ASN A 47 -5.53 -7.84 -14.41
CA ASN A 47 -6.63 -7.06 -13.84
C ASN A 47 -7.96 -7.81 -13.82
N ASP A 48 -7.89 -9.09 -13.52
CA ASP A 48 -9.11 -9.94 -13.47
C ASP A 48 -9.81 -9.79 -12.10
N LYS A 49 -10.91 -10.49 -11.94
CA LYS A 49 -11.71 -10.53 -10.75
C LYS A 49 -10.90 -11.14 -9.61
N ALA A 50 -11.17 -10.66 -8.37
CA ALA A 50 -10.48 -11.21 -7.18
C ALA A 50 -10.90 -12.67 -6.96
N PRO A 51 -9.93 -13.55 -6.62
CA PRO A 51 -10.29 -14.94 -6.35
C PRO A 51 -10.54 -15.19 -4.88
N LEU A 52 -11.60 -15.93 -4.57
CA LEU A 52 -11.90 -16.38 -3.21
C LEU A 52 -11.82 -17.90 -3.22
N PHE A 53 -10.82 -18.39 -2.49
CA PHE A 53 -10.54 -19.84 -2.41
C PHE A 53 -11.27 -20.39 -1.19
N ASN A 54 -12.42 -21.02 -1.42
CA ASN A 54 -13.28 -21.56 -0.36
C ASN A 54 -12.91 -22.98 0.09
N ASN A 55 -12.01 -23.63 -0.65
CA ASN A 55 -11.70 -25.03 -0.42
C ASN A 55 -10.18 -25.19 -0.53
N LEU A 56 -9.50 -24.76 0.52
N LEU A 56 -9.48 -24.70 0.49
CA LEU A 56 -8.06 -24.63 0.52
CA LEU A 56 -8.02 -24.73 0.51
C LEU A 56 -7.50 -25.92 1.14
C LEU A 56 -7.58 -26.05 1.11
N ILE A 57 -6.66 -26.67 0.41
CA ILE A 57 -6.10 -27.93 0.91
C ILE A 57 -5.30 -27.66 2.18
N GLY A 58 -5.71 -28.34 3.27
CA GLY A 58 -5.08 -28.10 4.57
C GLY A 58 -5.93 -27.28 5.53
N MET A 59 -7.04 -26.69 5.09
N MET A 59 -7.07 -26.79 5.08
CA MET A 59 -7.95 -25.94 5.98
CA MET A 59 -7.93 -26.15 6.00
C MET A 59 -8.59 -26.94 6.96
C MET A 59 -8.26 -27.14 7.13
N LYS A 60 -8.51 -26.60 8.27
CA LYS A 60 -9.02 -27.49 9.34
C LYS A 60 -9.68 -26.61 10.38
N ASN A 61 -10.85 -27.04 10.89
CA ASN A 61 -11.51 -26.34 12.01
C ASN A 61 -11.68 -24.85 11.71
N GLY A 62 -11.95 -24.52 10.46
CA GLY A 62 -12.30 -23.22 10.12
C GLY A 62 -11.16 -22.34 9.70
N LEU A 63 -9.90 -22.84 9.77
CA LEU A 63 -8.75 -21.99 9.38
C LEU A 63 -8.16 -22.63 8.13
N PHE A 64 -8.21 -21.96 6.96
CA PHE A 64 -8.88 -20.73 6.61
C PHE A 64 -9.12 -20.77 5.10
N ARG A 65 -10.04 -19.91 4.65
CA ARG A 65 -10.22 -19.59 3.22
C ARG A 65 -9.23 -18.48 2.87
N ILE A 66 -8.98 -18.20 1.57
CA ILE A 66 -8.12 -17.08 1.18
C ILE A 66 -8.87 -16.20 0.19
N LEU A 67 -8.76 -14.87 0.35
CA LEU A 67 -9.14 -13.90 -0.70
C LEU A 67 -7.86 -13.31 -1.26
N GLY A 68 -7.59 -13.50 -2.55
CA GLY A 68 -6.42 -12.89 -3.19
C GLY A 68 -6.79 -11.54 -3.80
N ALA A 69 -5.75 -10.73 -4.07
CA ALA A 69 -5.90 -9.49 -4.85
C ALA A 69 -6.94 -8.50 -4.29
N PRO A 70 -6.98 -8.28 -2.95
CA PRO A 70 -8.02 -7.43 -2.39
C PRO A 70 -8.02 -5.96 -2.78
N GLY A 71 -6.83 -5.45 -3.18
CA GLY A 71 -6.69 -4.06 -3.53
C GLY A 71 -6.09 -3.84 -4.92
N SER A 72 -6.25 -4.84 -5.78
CA SER A 72 -5.72 -4.78 -7.16
C SER A 72 -6.71 -4.15 -8.12
N LEU A 73 -6.32 -4.01 -9.38
CA LEU A 73 -7.05 -3.22 -10.36
C LEU A 73 -8.13 -4.04 -11.07
N ARG A 74 -9.20 -3.34 -11.47
CA ARG A 74 -10.19 -3.90 -12.35
C ARG A 74 -9.85 -3.57 -13.82
N LYS A 75 -10.39 -4.34 -14.77
CA LYS A 75 -9.98 -4.26 -16.12
C LYS A 75 -10.48 -2.96 -16.77
N SER A 76 -11.74 -2.61 -16.54
N SER A 76 -11.68 -2.57 -16.43
CA SER A 76 -12.31 -1.41 -17.17
CA SER A 76 -12.31 -1.44 -17.09
C SER A 76 -11.62 -0.14 -16.65
C SER A 76 -11.74 -0.10 -16.60
N SER A 77 -11.54 0.87 -17.50
CA SER A 77 -11.09 2.18 -17.13
C SER A 77 -12.06 2.83 -16.14
N ALA A 78 -13.36 2.68 -16.36
CA ALA A 78 -14.36 3.44 -15.60
C ALA A 78 -14.36 3.11 -14.10
N ASP A 79 -14.10 1.86 -13.75
CA ASP A 79 -14.04 1.47 -12.34
C ASP A 79 -12.70 0.81 -12.06
N ARG A 80 -11.64 1.28 -12.69
CA ARG A 80 -10.27 0.78 -12.51
C ARG A 80 -9.91 0.56 -11.03
N TYR A 81 -10.21 1.60 -10.22
CA TYR A 81 -9.84 1.63 -8.81
C TYR A 81 -11.00 1.22 -7.91
N GLY A 82 -12.00 0.50 -8.45
CA GLY A 82 -13.17 0.17 -7.67
C GLY A 82 -12.90 -0.63 -6.43
N ARG A 83 -11.89 -1.53 -6.41
CA ARG A 83 -11.62 -2.25 -5.19
C ARG A 83 -11.14 -1.32 -4.07
N LEU A 84 -10.32 -0.34 -4.43
N LEU A 84 -10.34 -0.29 -4.39
CA LEU A 84 -9.93 0.62 -3.43
CA LEU A 84 -9.90 0.72 -3.38
C LEU A 84 -11.13 1.43 -2.97
C LEU A 84 -11.09 1.57 -2.96
N ALA A 85 -11.98 1.89 -3.91
CA ALA A 85 -13.15 2.65 -3.53
C ALA A 85 -14.02 1.84 -2.54
N ARG A 86 -14.11 0.53 -2.72
CA ARG A 86 -14.89 -0.32 -1.81
C ARG A 86 -14.24 -0.44 -0.44
N HIS A 87 -12.97 -0.09 -0.29
CA HIS A 87 -12.36 0.02 1.04
C HIS A 87 -12.85 1.26 1.82
N LEU A 88 -13.52 2.21 1.16
CA LEU A 88 -13.67 3.54 1.69
C LEU A 88 -15.08 4.11 1.59
N ALA A 89 -16.07 3.33 1.12
CA ALA A 89 -17.45 3.80 0.99
C ALA A 89 -17.59 4.76 -0.19
N LEU A 90 -16.60 4.83 -1.10
CA LEU A 90 -16.66 5.69 -2.27
C LEU A 90 -17.37 4.97 -3.42
N PRO A 91 -17.99 5.73 -4.33
CA PRO A 91 -18.50 5.10 -5.54
C PRO A 91 -17.42 4.32 -6.27
N PRO A 92 -17.78 3.21 -6.97
CA PRO A 92 -16.75 2.37 -7.59
C PRO A 92 -16.02 3.08 -8.74
N THR A 93 -16.61 4.13 -9.30
CA THR A 93 -16.03 4.97 -10.32
C THR A 93 -15.11 6.07 -9.80
N ALA A 94 -14.86 6.08 -8.50
CA ALA A 94 -14.05 7.15 -7.93
C ALA A 94 -12.67 7.23 -8.60
N SER A 95 -12.22 8.48 -8.79
CA SER A 95 -10.91 8.69 -9.31
C SER A 95 -9.82 8.47 -8.25
N MET A 96 -8.58 8.31 -8.73
N MET A 96 -8.54 8.33 -8.66
CA MET A 96 -7.47 8.28 -7.85
CA MET A 96 -7.45 8.25 -7.67
C MET A 96 -7.41 9.53 -6.97
C MET A 96 -7.31 9.60 -6.92
N ARG A 97 -7.59 10.72 -7.56
CA ARG A 97 -7.59 11.95 -6.79
C ARG A 97 -8.61 11.86 -5.63
N GLU A 98 -9.82 11.38 -5.92
CA GLU A 98 -10.84 11.27 -4.90
C GLU A 98 -10.45 10.25 -3.80
N ILE A 99 -9.87 9.13 -4.18
CA ILE A 99 -9.44 8.15 -3.20
C ILE A 99 -8.36 8.74 -2.28
N LEU A 100 -7.36 9.38 -2.87
CA LEU A 100 -6.28 9.97 -2.07
C LEU A 100 -6.77 11.13 -1.22
N ASP A 101 -7.68 11.97 -1.73
CA ASP A 101 -8.27 13.01 -0.91
C ASP A 101 -9.01 12.39 0.26
N LYS A 102 -9.72 11.29 0.06
CA LYS A 102 -10.41 10.66 1.18
C LYS A 102 -9.42 10.18 2.23
N MET A 103 -8.31 9.57 1.77
CA MET A 103 -7.23 9.09 2.68
C MET A 103 -6.53 10.22 3.42
N LEU A 104 -6.48 11.42 2.87
CA LEU A 104 -5.86 12.60 3.51
C LEU A 104 -6.86 13.40 4.35
N SER A 105 -8.17 13.16 4.20
CA SER A 105 -9.15 14.06 4.80
C SER A 105 -9.06 14.15 6.32
N ALA A 106 -8.69 13.06 6.96
CA ALA A 106 -8.57 13.05 8.41
C ALA A 106 -7.39 13.84 8.96
N SER A 107 -6.48 14.28 8.10
N SER A 107 -6.41 14.14 8.12
CA SER A 107 -5.26 14.97 8.54
CA SER A 107 -5.24 14.86 8.60
C SER A 107 -5.54 16.34 9.16
C SER A 107 -5.60 16.10 9.41
N ASP A 108 -6.64 17.00 8.86
N ASP A 108 -6.61 16.83 8.91
CA ASP A 108 -6.93 18.20 9.68
CA ASP A 108 -7.05 18.17 9.36
C ASP A 108 -8.34 18.07 10.25
C ASP A 108 -8.14 18.10 10.48
N MET A 109 -8.59 16.88 10.80
CA MET A 109 -9.80 16.62 11.59
C MET A 109 -9.39 16.14 12.97
N PRO A 110 -10.20 16.42 14.00
CA PRO A 110 -9.95 15.79 15.29
C PRO A 110 -10.06 14.27 15.13
N PRO A 111 -9.17 13.47 15.76
CA PRO A 111 -9.35 12.03 15.78
C PRO A 111 -10.71 11.66 16.36
N ILE A 112 -11.26 10.53 15.91
CA ILE A 112 -12.44 9.94 16.56
C ILE A 112 -11.97 8.64 17.20
N PRO A 113 -11.70 8.62 18.52
CA PRO A 113 -11.11 7.43 19.13
C PRO A 113 -12.07 6.23 18.99
N PRO A 114 -11.52 5.02 19.04
CA PRO A 114 -12.32 3.81 18.96
C PRO A 114 -13.20 3.60 20.18
N THR A 115 -14.21 2.74 19.98
CA THR A 115 -15.14 2.35 21.02
C THR A 115 -14.85 0.90 21.38
N ILE A 116 -14.76 0.61 22.68
CA ILE A 116 -14.52 -0.76 23.17
C ILE A 116 -15.88 -1.42 23.33
N VAL A 117 -16.03 -2.60 22.72
CA VAL A 117 -17.18 -3.42 22.86
C VAL A 117 -16.81 -4.74 23.48
N PRO A 118 -17.75 -5.46 24.15
CA PRO A 118 -17.35 -6.65 24.90
C PRO A 118 -17.00 -7.89 24.09
N THR A 119 -17.53 -8.00 22.86
CA THR A 119 -17.23 -9.15 22.03
C THR A 119 -17.50 -8.77 20.58
N GLY A 120 -17.13 -9.72 19.72
CA GLY A 120 -17.41 -9.57 18.31
C GLY A 120 -17.12 -10.86 17.57
N PRO A 121 -17.35 -10.86 16.24
CA PRO A 121 -17.15 -12.10 15.49
C PRO A 121 -15.77 -12.75 15.59
N CYS A 122 -14.72 -11.92 15.80
CA CYS A 122 -13.38 -12.43 15.92
C CYS A 122 -13.16 -13.34 17.14
N LYS A 123 -14.20 -13.40 18.04
CA LYS A 123 -14.15 -14.27 19.19
C LYS A 123 -14.98 -15.52 19.01
N GLU A 124 -15.47 -15.77 17.80
CA GLU A 124 -16.31 -16.97 17.59
C GLU A 124 -15.61 -18.30 17.89
N ASN A 125 -14.28 -18.36 17.66
CA ASN A 125 -13.48 -19.54 17.86
C ASN A 125 -12.15 -19.10 18.49
N SER A 126 -11.53 -20.02 19.25
CA SER A 126 -10.23 -19.75 19.78
C SER A 126 -9.39 -21.03 19.81
N LEU A 127 -8.08 -20.83 19.77
CA LEU A 127 -7.11 -21.91 19.95
C LEU A 127 -6.02 -21.41 20.89
N ASP A 128 -5.79 -22.12 22.02
CA ASP A 128 -4.75 -21.77 22.93
C ASP A 128 -3.43 -22.36 22.43
N ASP A 129 -2.41 -22.11 23.27
N ASP A 129 -2.33 -22.10 23.13
CA ASP A 129 -1.00 -22.46 23.16
CA ASP A 129 -0.98 -22.53 22.71
C ASP A 129 -0.78 -23.97 22.95
C ASP A 129 -0.88 -24.07 22.62
N SER A 130 -1.78 -24.77 23.29
CA SER A 130 -1.70 -26.25 23.23
C SER A 130 -2.50 -26.81 22.05
N GLU A 131 -3.20 -25.94 21.29
CA GLU A 131 -4.19 -26.38 20.33
C GLU A 131 -3.87 -25.98 18.90
N PHE A 132 -2.98 -25.00 18.67
CA PHE A 132 -2.63 -24.65 17.28
C PHE A 132 -1.15 -25.02 17.04
N ASP A 133 -0.88 -25.12 15.75
CA ASP A 133 0.48 -25.25 15.22
C ASP A 133 0.53 -24.56 13.87
N LEU A 134 1.26 -23.46 13.80
CA LEU A 134 1.25 -22.62 12.60
C LEU A 134 1.75 -23.39 11.37
N THR A 135 2.57 -24.44 11.60
CA THR A 135 3.08 -25.26 10.48
C THR A 135 2.00 -26.21 9.95
N GLU A 136 0.85 -26.32 10.65
CA GLU A 136 -0.24 -27.20 10.27
C GLU A 136 -1.37 -26.44 9.60
N LEU A 137 -1.34 -25.13 9.54
CA LEU A 137 -2.34 -24.33 8.89
C LEU A 137 -2.01 -24.24 7.40
N PRO A 138 -3.00 -23.90 6.55
CA PRO A 138 -2.78 -23.85 5.09
C PRO A 138 -2.14 -22.51 4.66
N VAL A 139 -1.02 -22.17 5.29
CA VAL A 139 -0.33 -20.94 5.00
C VAL A 139 0.26 -21.02 3.59
N PRO A 140 0.07 -20.00 2.77
CA PRO A 140 0.57 -20.12 1.38
C PRO A 140 2.09 -19.99 1.23
N LEU A 141 2.61 -20.77 0.30
CA LEU A 141 3.89 -20.45 -0.35
C LEU A 141 3.53 -19.59 -1.55
N ILE A 142 3.98 -18.34 -1.52
CA ILE A 142 3.48 -17.32 -2.50
C ILE A 142 4.29 -17.32 -3.81
N HIS A 143 5.63 -17.48 -3.66
CA HIS A 143 6.54 -17.50 -4.79
C HIS A 143 7.43 -18.71 -4.61
N LYS A 144 7.86 -19.35 -5.71
N LYS A 144 7.83 -19.42 -5.68
CA LYS A 144 8.50 -20.64 -5.59
CA LYS A 144 8.48 -20.71 -5.45
C LYS A 144 9.82 -20.64 -4.81
C LYS A 144 9.80 -20.61 -4.67
N SER A 145 10.55 -19.51 -4.80
CA SER A 145 11.83 -19.40 -4.08
C SER A 145 11.68 -18.71 -2.74
N ASP A 146 10.47 -18.40 -2.27
CA ASP A 146 10.36 -17.74 -0.96
C ASP A 146 11.00 -18.59 0.13
N GLY A 147 11.56 -17.92 1.14
CA GLY A 147 12.23 -18.60 2.24
C GLY A 147 11.31 -19.09 3.33
N GLY A 148 10.00 -18.97 3.15
CA GLY A 148 9.03 -19.45 4.13
C GLY A 148 7.64 -19.24 3.60
N LYS A 149 6.66 -19.71 4.37
N LYS A 149 6.67 -19.73 4.39
CA LYS A 149 5.26 -19.57 4.01
CA LYS A 149 5.24 -19.61 4.09
C LYS A 149 4.74 -18.29 4.63
C LYS A 149 4.79 -18.27 4.65
N TYR A 150 4.45 -17.31 3.77
CA TYR A 150 4.12 -15.95 4.20
C TYR A 150 2.65 -15.85 4.56
N ILE A 151 2.40 -16.15 5.84
CA ILE A 151 1.05 -16.02 6.44
C ILE A 151 0.56 -14.57 6.36
N GLN A 152 1.50 -13.61 6.45
CA GLN A 152 1.18 -12.22 6.63
C GLN A 152 1.63 -11.37 5.46
N THR A 153 0.63 -11.07 4.61
CA THR A 153 0.79 -10.12 3.51
C THR A 153 -0.29 -9.04 3.50
N TYR A 154 -1.40 -9.19 4.27
CA TYR A 154 -2.45 -8.21 4.21
C TYR A 154 -3.20 -8.05 5.54
N GLY A 155 -2.57 -8.51 6.63
CA GLY A 155 -3.04 -8.21 7.97
C GLY A 155 -2.34 -7.00 8.55
N MET A 156 -2.85 -6.55 9.69
CA MET A 156 -2.40 -5.37 10.40
C MET A 156 -1.72 -5.72 11.71
N HIS A 157 -0.45 -5.36 11.81
CA HIS A 157 0.27 -5.46 13.09
C HIS A 157 -0.20 -4.31 13.99
N ILE A 158 -0.41 -4.64 15.27
CA ILE A 158 -0.83 -3.74 16.32
C ILE A 158 0.25 -3.76 17.41
N VAL A 159 0.90 -2.59 17.61
CA VAL A 159 1.85 -2.41 18.71
C VAL A 159 1.61 -1.03 19.28
N GLN A 160 1.97 -0.91 20.57
CA GLN A 160 1.72 0.33 21.29
C GLN A 160 3.00 0.78 21.97
N SER A 161 3.22 2.10 22.03
CA SER A 161 4.34 2.66 22.74
C SER A 161 4.34 2.23 24.20
N PRO A 162 5.50 2.11 24.86
CA PRO A 162 5.51 1.75 26.28
C PRO A 162 4.62 2.63 27.15
N ASP A 163 4.53 3.90 26.84
CA ASP A 163 3.75 4.83 27.67
C ASP A 163 2.26 4.77 27.37
N GLY A 164 1.83 4.00 26.39
CA GLY A 164 0.41 3.84 26.10
C GLY A 164 -0.19 4.87 25.16
N THR A 165 0.57 5.89 24.81
CA THR A 165 -0.02 7.07 24.15
C THR A 165 -0.18 6.92 22.63
N TRP A 166 0.50 5.95 22.01
CA TRP A 166 0.43 5.76 20.56
C TRP A 166 0.26 4.29 20.28
N THR A 167 -0.83 3.95 19.56
CA THR A 167 -1.05 2.58 19.09
C THR A 167 -0.99 2.63 17.56
N ASN A 168 -0.02 1.91 17.01
CA ASN A 168 0.21 1.92 15.57
C ASN A 168 -0.41 0.67 14.93
N TRP A 169 -1.00 0.89 13.74
CA TRP A 169 -1.48 -0.15 12.85
C TRP A 169 -0.72 -0.05 11.51
N SER A 170 -0.12 -1.20 11.11
CA SER A 170 0.66 -1.15 9.86
C SER A 170 0.74 -2.54 9.24
N ILE A 171 0.96 -2.55 7.93
CA ILE A 171 1.32 -3.79 7.23
C ILE A 171 2.85 -3.90 7.16
N ALA A 172 3.36 -5.06 7.59
CA ALA A 172 4.74 -5.53 7.34
C ALA A 172 4.68 -7.03 7.20
N ARG A 173 5.41 -7.60 6.26
CA ARG A 173 5.34 -9.02 5.95
C ARG A 173 5.82 -9.85 7.14
N ALA A 174 5.31 -11.09 7.18
CA ALA A 174 5.86 -12.08 8.13
C ALA A 174 5.53 -13.48 7.63
N MET A 175 6.42 -14.40 7.96
CA MET A 175 6.39 -15.78 7.56
C MET A 175 6.46 -16.69 8.79
N VAL A 176 5.99 -17.92 8.61
CA VAL A 176 6.02 -18.92 9.71
C VAL A 176 7.47 -19.37 9.93
N HIS A 177 7.91 -19.30 11.20
CA HIS A 177 9.20 -19.83 11.68
C HIS A 177 9.07 -21.26 12.23
N ASP A 178 8.09 -21.46 13.12
CA ASP A 178 7.86 -22.78 13.67
C ASP A 178 6.43 -22.80 14.21
N LYS A 179 6.09 -23.84 14.98
CA LYS A 179 4.72 -23.98 15.42
C LYS A 179 4.08 -22.76 16.12
N ASN A 180 4.91 -21.94 16.77
CA ASN A 180 4.35 -20.81 17.52
C ASN A 180 5.17 -19.53 17.34
N HIS A 181 5.92 -19.40 16.23
CA HIS A 181 6.62 -18.16 15.96
C HIS A 181 6.54 -17.80 14.47
N LEU A 182 6.61 -16.49 14.24
CA LEU A 182 6.81 -15.88 12.92
C LEU A 182 8.17 -15.15 12.91
N THR A 183 8.70 -14.92 11.69
CA THR A 183 9.69 -13.90 11.52
C THR A 183 9.18 -12.90 10.51
N GLY A 184 9.66 -11.67 10.58
CA GLY A 184 9.19 -10.66 9.64
C GLY A 184 10.09 -9.45 9.58
N LEU A 185 9.77 -8.55 8.64
N LEU A 185 9.78 -8.54 8.67
CA LEU A 185 10.48 -7.26 8.54
CA LEU A 185 10.61 -7.39 8.42
C LEU A 185 10.01 -6.29 9.59
C LEU A 185 10.15 -6.23 9.32
N VAL A 186 11.02 -5.81 10.30
CA VAL A 186 10.79 -4.68 11.23
C VAL A 186 12.02 -3.77 11.03
N ILE A 187 11.86 -2.73 10.20
CA ILE A 187 13.00 -1.98 9.70
C ILE A 187 12.79 -0.49 9.84
N PRO A 188 13.86 0.29 10.03
CA PRO A 188 13.71 1.74 10.07
C PRO A 188 13.35 2.25 8.67
N PRO A 189 12.56 3.34 8.56
CA PRO A 189 12.05 4.20 9.64
C PRO A 189 10.62 3.81 10.07
N GLN A 190 10.19 2.58 9.79
CA GLN A 190 8.79 2.25 9.93
C GLN A 190 8.33 2.34 11.37
N HIS A 191 7.03 2.62 11.58
CA HIS A 191 6.53 2.80 12.94
C HIS A 191 6.60 1.55 13.77
N ILE A 192 6.44 0.36 13.20
CA ILE A 192 6.61 -0.83 14.00
C ILE A 192 8.03 -0.90 14.58
N TRP A 193 9.01 -0.48 13.76
CA TRP A 193 10.41 -0.41 14.23
C TRP A 193 10.62 0.69 15.26
N GLN A 194 10.03 1.86 15.02
CA GLN A 194 10.18 2.95 16.00
C GLN A 194 9.66 2.53 17.36
N ILE A 195 8.50 1.88 17.41
CA ILE A 195 7.94 1.39 18.69
C ILE A 195 8.79 0.26 19.23
N HIS A 196 9.22 -0.68 18.39
N HIS A 196 9.24 -0.69 18.39
CA HIS A 196 10.09 -1.72 18.90
CA HIS A 196 10.15 -1.76 18.84
C HIS A 196 11.30 -1.11 19.63
C HIS A 196 11.36 -1.18 19.59
N GLN A 197 11.93 -0.10 19.03
CA GLN A 197 13.10 0.55 19.60
C GLN A 197 12.82 1.11 20.98
N MET A 198 11.60 1.66 21.17
CA MET A 198 11.24 2.19 22.46
C MET A 198 11.25 1.09 23.53
N TRP A 199 10.66 -0.07 23.19
CA TRP A 199 10.62 -1.21 24.10
C TRP A 199 12.04 -1.75 24.35
N LYS A 200 12.88 -1.78 23.33
N LYS A 200 12.86 -1.82 23.30
CA LYS A 200 14.25 -2.30 23.50
CA LYS A 200 14.27 -2.30 23.46
C LYS A 200 15.05 -1.42 24.44
C LYS A 200 14.97 -1.42 24.49
N LYS A 201 14.88 -0.10 24.33
CA LYS A 201 15.58 0.84 25.21
C LYS A 201 15.09 0.71 26.64
N GLU A 202 13.78 0.50 26.83
CA GLU A 202 13.25 0.25 28.18
C GLU A 202 13.81 -1.07 28.75
N GLY A 203 13.99 -2.08 27.87
CA GLY A 203 14.71 -3.25 28.23
C GLY A 203 14.09 -4.27 29.14
N ARG A 204 12.83 -4.09 29.53
CA ARG A 204 12.12 -4.91 30.52
C ARG A 204 11.37 -6.10 29.95
N SER A 205 10.71 -5.92 28.83
N SER A 205 10.80 -5.92 28.76
CA SER A 205 9.92 -7.02 28.28
CA SER A 205 9.68 -6.74 28.27
C SER A 205 9.87 -6.93 26.77
C SER A 205 9.74 -6.87 26.75
N ASP A 206 9.44 -8.06 26.22
CA ASP A 206 9.10 -8.14 24.79
C ASP A 206 7.86 -7.27 24.54
N VAL A 207 7.60 -6.92 23.28
CA VAL A 207 6.53 -6.00 22.93
C VAL A 207 5.21 -6.73 22.87
N PRO A 208 4.20 -6.33 23.66
CA PRO A 208 2.89 -6.90 23.45
C PRO A 208 2.44 -6.61 22.01
N TRP A 209 1.84 -7.63 21.39
CA TRP A 209 1.58 -7.58 19.94
C TRP A 209 0.30 -8.31 19.60
N ALA A 210 -0.38 -7.84 18.55
CA ALA A 210 -1.40 -8.60 17.91
C ALA A 210 -1.26 -8.39 16.40
N LEU A 211 -1.72 -9.38 15.64
CA LEU A 211 -1.78 -9.29 14.17
C LEU A 211 -3.17 -9.73 13.79
N ALA A 212 -3.90 -8.78 13.21
CA ALA A 212 -5.30 -8.98 12.84
C ALA A 212 -5.43 -9.06 11.33
N PHE A 213 -6.01 -10.15 10.83
CA PHE A 213 -6.19 -10.38 9.40
C PHE A 213 -7.66 -10.18 9.05
N GLY A 214 -7.94 -9.63 7.86
CA GLY A 214 -9.35 -9.39 7.51
C GLY A 214 -9.98 -8.36 8.42
N VAL A 215 -9.30 -7.24 8.56
CA VAL A 215 -9.75 -6.10 9.34
C VAL A 215 -10.66 -5.22 8.49
N PRO A 216 -11.31 -4.22 9.10
CA PRO A 216 -12.08 -3.27 8.33
C PRO A 216 -11.26 -2.72 7.18
N PRO A 217 -11.81 -2.74 5.95
CA PRO A 217 -11.02 -2.23 4.83
C PRO A 217 -10.53 -0.81 5.01
N ALA A 218 -11.27 0.07 5.66
CA ALA A 218 -10.75 1.43 5.82
C ALA A 218 -9.50 1.41 6.72
N ALA A 219 -9.48 0.49 7.69
CA ALA A 219 -8.31 0.32 8.54
C ALA A 219 -7.08 -0.23 7.81
N ILE A 220 -7.26 -1.21 6.89
CA ILE A 220 -6.08 -1.71 6.19
C ILE A 220 -5.50 -0.64 5.26
N MET A 221 -6.35 0.25 4.71
N MET A 221 -6.37 0.26 4.74
CA MET A 221 -5.81 1.33 3.93
CA MET A 221 -5.88 1.40 3.91
C MET A 221 -4.94 2.23 4.80
C MET A 221 -4.97 2.29 4.76
N ALA A 222 -5.41 2.68 5.96
CA ALA A 222 -4.55 3.51 6.82
C ALA A 222 -3.31 2.76 7.27
N SER A 223 -3.40 1.43 7.45
CA SER A 223 -2.26 0.62 7.84
C SER A 223 -1.15 0.69 6.80
N SER A 224 -1.51 0.98 5.54
N SER A 224 -1.51 0.95 5.53
CA SER A 224 -0.59 0.98 4.44
CA SER A 224 -0.56 0.98 4.42
C SER A 224 -0.09 2.38 4.09
C SER A 224 -0.05 2.39 4.12
N MET A 225 -0.50 3.40 4.88
CA MET A 225 -0.21 4.82 4.60
C MET A 225 0.76 5.35 5.66
N PRO A 226 1.72 6.18 5.25
CA PRO A 226 2.67 6.76 6.24
C PRO A 226 2.08 8.03 6.88
N ILE A 227 0.99 7.86 7.64
CA ILE A 227 0.49 9.00 8.42
C ILE A 227 1.53 9.34 9.49
N PRO A 228 1.46 10.52 10.12
CA PRO A 228 2.57 10.99 10.92
C PRO A 228 2.95 10.13 12.13
N ASP A 229 4.22 10.29 12.54
CA ASP A 229 4.71 9.74 13.80
C ASP A 229 3.77 10.10 14.94
N GLY A 230 3.53 9.14 15.82
CA GLY A 230 2.72 9.39 17.02
C GLY A 230 1.25 9.40 16.83
N VAL A 231 0.76 9.23 15.61
CA VAL A 231 -0.66 9.30 15.34
C VAL A 231 -1.26 7.87 15.34
N THR A 232 -2.24 7.64 16.22
CA THR A 232 -2.88 6.35 16.30
C THR A 232 -3.80 6.19 15.10
N GLU A 233 -3.53 5.17 14.29
CA GLU A 233 -4.32 4.96 13.06
C GLU A 233 -5.81 4.82 13.40
N ALA A 234 -6.16 4.15 14.51
CA ALA A 234 -7.60 3.94 14.75
C ALA A 234 -8.40 5.24 14.77
N GLY A 235 -7.84 6.29 15.38
CA GLY A 235 -8.55 7.57 15.46
C GLY A 235 -8.57 8.33 14.13
N TYR A 236 -7.55 8.11 13.31
CA TYR A 236 -7.49 8.68 11.95
C TYR A 236 -8.54 8.03 11.08
N VAL A 237 -8.64 6.69 11.15
CA VAL A 237 -9.68 5.98 10.40
C VAL A 237 -11.07 6.40 10.90
N GLY A 238 -11.22 6.56 12.22
CA GLY A 238 -12.49 7.03 12.76
C GLY A 238 -12.87 8.35 12.13
N ALA A 239 -11.92 9.32 12.13
CA ALA A 239 -12.22 10.61 11.57
C ALA A 239 -12.54 10.52 10.05
N MET A 240 -11.72 9.75 9.31
N MET A 240 -11.75 9.71 9.33
CA MET A 240 -11.95 9.60 7.87
CA MET A 240 -11.91 9.55 7.89
C MET A 240 -13.36 9.07 7.55
C MET A 240 -13.31 9.03 7.52
N THR A 241 -13.78 8.05 8.28
CA THR A 241 -15.06 7.37 8.02
C THR A 241 -16.23 8.06 8.72
N GLY A 242 -15.95 8.98 9.63
CA GLY A 242 -16.99 9.63 10.40
C GLY A 242 -17.59 8.79 11.46
N SER A 243 -16.96 7.69 11.82
CA SER A 243 -17.49 6.73 12.81
C SER A 243 -16.40 6.20 13.68
N SER A 244 -16.67 6.01 14.96
CA SER A 244 -15.73 5.36 15.85
C SER A 244 -15.64 3.86 15.57
N LEU A 245 -14.42 3.35 15.37
CA LEU A 245 -14.27 1.92 15.12
C LEU A 245 -14.52 1.12 16.40
N GLU A 246 -15.22 0.00 16.27
CA GLU A 246 -15.50 -0.88 17.39
C GLU A 246 -14.37 -1.91 17.53
N LEU A 247 -13.73 -1.92 18.71
CA LEU A 247 -12.61 -2.82 19.01
C LEU A 247 -12.96 -3.68 20.21
N VAL A 248 -12.42 -4.90 20.23
N VAL A 248 -12.30 -4.82 20.30
CA VAL A 248 -12.49 -5.79 21.37
CA VAL A 248 -12.48 -5.77 21.39
C VAL A 248 -11.09 -5.99 21.94
C VAL A 248 -11.10 -6.16 21.92
N LYS A 249 -11.01 -6.28 23.23
CA LYS A 249 -9.71 -6.57 23.84
C LYS A 249 -9.23 -7.96 23.44
N CYS A 250 -7.92 -8.08 23.22
CA CYS A 250 -7.28 -9.37 23.16
C CYS A 250 -7.57 -10.18 24.45
N ASP A 251 -7.50 -11.50 24.34
CA ASP A 251 -7.65 -12.33 25.52
C ASP A 251 -6.41 -12.36 26.42
N THR A 252 -5.23 -12.37 25.80
CA THR A 252 -3.98 -12.62 26.49
C THR A 252 -3.13 -11.37 26.66
N ASN A 253 -3.61 -10.21 26.18
CA ASN A 253 -2.92 -8.93 26.46
C ASN A 253 -3.98 -7.85 26.40
N ASP A 254 -3.56 -6.58 26.64
CA ASP A 254 -4.45 -5.49 26.74
C ASP A 254 -4.52 -4.64 25.47
N LEU A 255 -4.06 -5.18 24.34
CA LEU A 255 -4.31 -4.54 23.04
C LEU A 255 -5.73 -4.78 22.58
N TYR A 256 -6.19 -3.96 21.65
CA TYR A 256 -7.52 -3.98 21.12
C TYR A 256 -7.53 -4.20 19.60
N VAL A 257 -8.37 -5.11 19.16
CA VAL A 257 -8.43 -5.51 17.76
C VAL A 257 -9.79 -5.19 17.19
N PRO A 258 -9.94 -4.97 15.86
CA PRO A 258 -11.27 -4.76 15.31
C PRO A 258 -12.18 -5.94 15.65
N ALA A 259 -13.41 -5.58 16.03
CA ALA A 259 -14.38 -6.60 16.46
C ALA A 259 -14.68 -7.65 15.39
N THR A 260 -14.67 -7.25 14.13
CA THR A 260 -15.00 -8.13 13.02
C THR A 260 -13.75 -8.71 12.34
N SER A 261 -12.59 -8.64 12.97
CA SER A 261 -11.38 -9.24 12.39
C SER A 261 -11.66 -10.71 12.07
N GLU A 262 -11.21 -11.18 10.89
CA GLU A 262 -11.39 -12.57 10.51
C GLU A 262 -10.54 -13.52 11.39
N ILE A 263 -9.28 -13.17 11.60
CA ILE A 263 -8.32 -14.00 12.32
C ILE A 263 -7.45 -13.06 13.14
N VAL A 264 -7.18 -13.40 14.40
CA VAL A 264 -6.30 -12.61 15.27
C VAL A 264 -5.24 -13.51 15.87
N LEU A 265 -3.97 -13.10 15.72
CA LEU A 265 -2.87 -13.72 16.49
C LEU A 265 -2.55 -12.76 17.65
N GLU A 266 -2.38 -13.34 18.84
CA GLU A 266 -1.96 -12.54 20.00
C GLU A 266 -0.60 -13.07 20.47
N GLY A 267 0.31 -12.18 20.85
CA GLY A 267 1.57 -12.67 21.38
C GLY A 267 2.53 -11.55 21.62
N THR A 268 3.80 -11.78 21.32
CA THR A 268 4.86 -10.79 21.58
C THR A 268 5.82 -10.70 20.39
N LEU A 269 6.36 -9.48 20.23
CA LEU A 269 7.47 -9.17 19.30
C LEU A 269 8.73 -9.09 20.17
N SER A 270 9.69 -9.96 19.88
CA SER A 270 10.85 -10.04 20.79
C SER A 270 11.71 -8.80 20.70
N ILE A 271 12.22 -8.35 21.86
CA ILE A 271 13.25 -7.27 21.89
C ILE A 271 14.67 -7.85 21.82
N SER A 272 14.82 -9.18 21.77
CA SER A 272 16.13 -9.78 21.74
C SER A 272 16.38 -10.84 20.65
N GLU A 273 15.39 -11.58 20.22
CA GLU A 273 15.61 -12.70 19.34
C GLU A 273 15.33 -12.31 17.90
N THR A 274 15.98 -13.04 17.00
CA THR A 274 15.73 -12.92 15.59
C THR A 274 15.67 -14.32 15.01
N GLY A 275 15.29 -14.42 13.73
CA GLY A 275 15.40 -15.67 13.01
C GLY A 275 15.46 -15.42 11.51
N PRO A 276 15.68 -16.50 10.74
CA PRO A 276 15.72 -16.33 9.29
C PRO A 276 14.42 -15.73 8.74
N GLU A 277 14.58 -14.78 7.81
CA GLU A 277 13.44 -14.16 7.20
C GLU A 277 13.80 -13.92 5.74
N GLY A 278 12.81 -14.21 4.86
CA GLY A 278 13.03 -14.11 3.45
C GLY A 278 13.89 -15.25 2.93
N PRO A 279 14.25 -15.21 1.64
CA PRO A 279 13.87 -14.15 0.72
C PRO A 279 12.38 -14.18 0.35
N PHE A 280 11.92 -13.11 -0.28
CA PHE A 280 10.52 -12.95 -0.60
C PHE A 280 10.41 -12.22 -1.95
N GLY A 281 9.43 -12.64 -2.75
CA GLY A 281 9.11 -11.92 -3.97
C GLY A 281 8.41 -10.62 -3.65
N GLU A 282 9.12 -9.49 -3.81
CA GLU A 282 8.77 -8.20 -3.21
C GLU A 282 8.18 -7.22 -4.22
N MET A 283 7.82 -6.06 -3.73
CA MET A 283 6.98 -5.08 -4.45
C MET A 283 7.62 -4.62 -5.78
N HIS A 284 8.97 -4.66 -5.92
CA HIS A 284 9.60 -4.21 -7.10
C HIS A 284 9.68 -5.30 -8.17
N GLY A 285 9.21 -6.49 -7.88
CA GLY A 285 9.17 -7.54 -8.87
C GLY A 285 10.27 -8.57 -8.84
N TYR A 286 10.98 -8.70 -7.72
CA TYR A 286 12.18 -9.54 -7.66
C TYR A 286 12.19 -10.46 -6.43
N ILE A 287 12.86 -11.61 -6.58
CA ILE A 287 13.33 -12.39 -5.43
C ILE A 287 14.77 -12.77 -5.72
N PHE A 288 15.62 -12.72 -4.69
CA PHE A 288 17.03 -13.14 -4.77
C PHE A 288 17.10 -14.44 -4.00
N PRO A 289 16.96 -15.61 -4.67
N PRO A 289 17.06 -15.62 -4.66
CA PRO A 289 16.80 -16.87 -3.96
CA PRO A 289 16.92 -16.91 -3.94
C PRO A 289 18.02 -17.08 -3.10
C PRO A 289 17.99 -17.19 -2.88
N GLY A 290 17.76 -17.60 -1.91
N GLY A 290 19.17 -16.56 -3.02
CA GLY A 290 18.78 -17.92 -1.00
CA GLY A 290 20.34 -16.88 -2.21
C GLY A 290 19.20 -16.72 -0.14
C GLY A 290 20.47 -15.99 -0.99
N ASP A 291 18.91 -15.45 -0.50
N ASP A 291 19.59 -15.01 -0.83
CA ASP A 291 19.35 -14.31 0.33
CA ASP A 291 19.56 -14.24 0.38
C ASP A 291 18.46 -14.34 1.57
C ASP A 291 19.40 -15.12 1.63
N THR A 292 18.59 -15.35 2.42
N THR A 292 20.11 -14.70 2.68
CA THR A 292 18.17 -15.20 3.81
CA THR A 292 19.95 -15.33 4.02
C THR A 292 19.23 -14.41 4.62
C THR A 292 19.78 -14.24 5.11
N HIS A 293 18.63 -13.43 5.20
CA HIS A 293 18.80 -12.36 6.16
C HIS A 293 18.12 -12.80 7.44
N LEU A 294 18.36 -12.08 8.52
CA LEU A 294 17.63 -12.24 9.79
C LEU A 294 16.56 -11.18 9.92
N GLY A 295 15.46 -11.58 10.55
CA GLY A 295 14.36 -10.67 10.77
C GLY A 295 13.90 -10.76 12.21
N ALA A 296 13.02 -9.83 12.59
CA ALA A 296 12.41 -9.85 13.88
C ALA A 296 11.59 -11.13 14.07
N LYS A 297 11.50 -11.54 15.34
CA LYS A 297 10.85 -12.81 15.73
C LYS A 297 9.65 -12.51 16.62
N TYR A 298 8.49 -13.08 16.27
CA TYR A 298 7.21 -12.96 16.96
C TYR A 298 6.84 -14.31 17.56
N LYS A 299 6.34 -14.30 18.78
CA LYS A 299 5.79 -15.44 19.43
C LYS A 299 4.29 -15.34 19.45
N VAL A 300 3.58 -16.41 19.04
CA VAL A 300 2.14 -16.48 19.04
C VAL A 300 1.67 -17.31 20.22
N ASN A 301 0.80 -16.70 21.06
CA ASN A 301 0.27 -17.37 22.25
C ASN A 301 -1.18 -17.83 22.10
N ARG A 302 -1.94 -17.22 21.20
CA ARG A 302 -3.33 -17.45 21.04
C ARG A 302 -3.81 -17.07 19.63
N ILE A 303 -4.78 -17.83 19.12
CA ILE A 303 -5.44 -17.49 17.84
C ILE A 303 -6.93 -17.37 18.16
N THR A 304 -7.58 -16.29 17.72
CA THR A 304 -9.05 -16.26 17.71
C THR A 304 -9.51 -16.01 16.27
N TYR A 305 -10.74 -16.41 15.94
CA TYR A 305 -11.15 -16.29 14.56
C TYR A 305 -12.64 -16.43 14.39
N ARG A 306 -13.12 -15.81 13.33
CA ARG A 306 -14.52 -15.95 12.88
C ARG A 306 -14.80 -17.36 12.36
N ASN A 307 -16.06 -17.78 12.55
CA ASN A 307 -16.52 -18.95 11.81
C ASN A 307 -16.25 -18.72 10.30
N ASN A 308 -15.74 -19.75 9.65
CA ASN A 308 -15.47 -19.73 8.18
C ASN A 308 -14.54 -18.53 7.83
N ALA A 309 -13.52 -18.35 8.66
CA ALA A 309 -12.55 -17.27 8.51
C ALA A 309 -11.92 -17.22 7.12
N ILE A 310 -11.71 -15.97 6.68
CA ILE A 310 -11.09 -15.67 5.39
C ILE A 310 -9.78 -14.89 5.68
N MET A 311 -8.70 -15.41 5.12
CA MET A 311 -7.34 -14.74 5.14
C MET A 311 -7.15 -13.98 3.84
N PRO A 312 -7.01 -12.65 3.86
CA PRO A 312 -6.60 -11.92 2.65
C PRO A 312 -5.12 -12.14 2.36
N MET A 313 -4.77 -12.17 1.06
CA MET A 313 -3.41 -12.44 0.59
C MET A 313 -3.06 -11.52 -0.54
N SER A 314 -1.86 -10.94 -0.48
CA SER A 314 -1.27 -10.20 -1.63
C SER A 314 -0.23 -11.09 -2.28
N SER A 315 -0.44 -11.49 -3.53
CA SER A 315 0.54 -12.22 -4.29
C SER A 315 1.36 -11.19 -5.08
N CYS A 316 2.34 -10.59 -4.39
CA CYS A 316 2.95 -9.36 -4.87
C CYS A 316 4.15 -9.64 -5.79
N GLY A 317 4.44 -8.60 -6.60
CA GLY A 317 5.57 -8.69 -7.47
C GLY A 317 5.45 -7.70 -8.61
N ARG A 318 5.57 -8.18 -9.86
CA ARG A 318 5.35 -7.32 -11.02
C ARG A 318 3.92 -6.80 -11.10
N LEU A 319 3.73 -5.74 -11.88
CA LEU A 319 2.48 -5.00 -11.90
C LEU A 319 1.28 -5.93 -12.16
N THR A 320 0.09 -5.67 -11.54
CA THR A 320 -0.21 -4.61 -10.60
C THR A 320 -0.90 -5.24 -9.40
N ASP A 321 -0.41 -4.89 -8.19
CA ASP A 321 -0.99 -5.46 -6.96
C ASP A 321 -1.03 -4.39 -5.89
N GLU A 322 -1.38 -4.81 -4.67
CA GLU A 322 -1.52 -3.96 -3.52
C GLU A 322 -0.28 -3.14 -3.21
N THR A 323 0.90 -3.74 -3.50
CA THR A 323 2.15 -3.07 -3.21
C THR A 323 2.37 -1.88 -4.11
N HIS A 324 1.62 -1.79 -5.22
CA HIS A 324 1.70 -0.64 -6.13
C HIS A 324 0.54 0.32 -5.89
N THR A 325 -0.68 -0.25 -5.89
CA THR A 325 -1.88 0.54 -5.75
C THR A 325 -1.96 1.27 -4.40
N MET A 326 -1.50 0.57 -3.36
CA MET A 326 -1.63 1.13 -2.00
C MET A 326 -0.31 1.73 -1.54
N ILE A 327 0.82 0.99 -1.60
CA ILE A 327 2.07 1.59 -1.07
C ILE A 327 2.39 2.86 -1.82
N GLY A 328 2.43 2.78 -3.17
CA GLY A 328 2.86 3.91 -3.94
C GLY A 328 1.87 5.08 -3.82
N SER A 329 0.59 4.80 -3.99
CA SER A 329 -0.37 5.89 -4.08
C SER A 329 -0.51 6.60 -2.70
N LEU A 330 -0.50 5.80 -1.62
CA LEU A 330 -0.71 6.38 -0.30
C LEU A 330 0.53 7.16 0.16
N ALA A 331 1.73 6.70 -0.24
CA ALA A 331 2.97 7.50 0.01
C ALA A 331 2.87 8.81 -0.77
N ALA A 332 2.45 8.70 -2.07
CA ALA A 332 2.34 9.93 -2.86
C ALA A 332 1.36 10.93 -2.21
N ALA A 333 0.23 10.42 -1.71
CA ALA A 333 -0.75 11.30 -1.04
C ALA A 333 -0.09 12.05 0.13
N GLU A 334 0.59 11.28 0.99
CA GLU A 334 1.24 11.92 2.16
C GLU A 334 2.29 12.94 1.71
N ILE A 335 3.06 12.60 0.66
CA ILE A 335 4.07 13.50 0.10
C ILE A 335 3.42 14.80 -0.38
N ARG A 336 2.29 14.71 -1.07
CA ARG A 336 1.58 15.88 -1.54
C ARG A 336 1.29 16.81 -0.38
N LYS A 337 0.68 16.27 0.68
CA LYS A 337 0.38 17.08 1.86
C LYS A 337 1.65 17.64 2.50
N LEU A 338 2.67 16.81 2.67
CA LEU A 338 3.92 17.31 3.27
C LEU A 338 4.48 18.50 2.48
N CYS A 339 4.45 18.39 1.15
CA CYS A 339 4.98 19.50 0.36
C CYS A 339 4.16 20.78 0.61
N GLN A 340 2.83 20.65 0.61
CA GLN A 340 1.93 21.82 0.83
C GLN A 340 2.16 22.42 2.24
N GLN A 341 2.40 21.57 3.24
CA GLN A 341 2.65 22.06 4.58
C GLN A 341 4.00 22.78 4.74
N ASN A 342 4.91 22.53 3.80
CA ASN A 342 6.18 23.20 3.74
C ASN A 342 6.16 24.35 2.74
N ASP A 343 4.98 24.83 2.35
CA ASP A 343 4.80 25.99 1.53
C ASP A 343 5.30 25.78 0.11
N LEU A 344 5.32 24.53 -0.37
CA LEU A 344 5.71 24.27 -1.74
C LEU A 344 4.45 24.19 -2.58
N PRO A 345 4.46 24.70 -3.80
CA PRO A 345 3.22 24.87 -4.61
C PRO A 345 2.89 23.59 -5.39
N ILE A 346 2.64 22.51 -4.69
CA ILE A 346 2.33 21.19 -5.24
C ILE A 346 0.83 20.98 -5.12
N THR A 347 0.18 20.64 -6.26
CA THR A 347 -1.25 20.39 -6.29
C THR A 347 -1.60 18.92 -6.21
N ASP A 348 -0.75 18.04 -6.72
CA ASP A 348 -1.08 16.62 -6.90
C ASP A 348 0.22 15.84 -6.85
N ALA A 349 0.11 14.58 -6.44
CA ALA A 349 1.26 13.67 -6.46
C ALA A 349 0.73 12.25 -6.74
N PHE A 350 1.53 11.48 -7.49
CA PHE A 350 1.22 10.09 -7.78
C PHE A 350 2.50 9.33 -8.01
N ALA A 351 2.55 8.05 -7.66
CA ALA A 351 3.73 7.21 -7.97
C ALA A 351 3.41 6.41 -9.23
N PRO A 352 3.99 6.76 -10.40
CA PRO A 352 3.60 6.04 -11.62
C PRO A 352 3.85 4.55 -11.50
N PHE A 353 2.87 3.76 -11.95
CA PHE A 353 3.06 2.32 -11.95
C PHE A 353 4.23 1.92 -12.85
N GLU A 354 4.42 2.68 -13.95
CA GLU A 354 5.53 2.36 -14.89
C GLU A 354 6.89 2.39 -14.23
N SER A 355 7.00 3.23 -13.19
CA SER A 355 8.26 3.37 -12.40
C SER A 355 8.39 2.27 -11.34
N GLN A 356 7.47 1.30 -11.32
CA GLN A 356 7.46 0.32 -10.25
C GLN A 356 7.30 1.03 -8.89
N VAL A 357 6.51 2.11 -8.90
CA VAL A 357 6.23 3.02 -7.77
C VAL A 357 7.49 3.46 -7.03
N THR A 358 8.59 3.65 -7.78
CA THR A 358 9.81 4.20 -7.23
C THR A 358 9.95 5.69 -7.53
N TRP A 359 9.13 6.21 -8.44
CA TRP A 359 9.07 7.68 -8.69
C TRP A 359 7.78 8.22 -8.07
N VAL A 360 7.83 9.52 -7.74
CA VAL A 360 6.59 10.27 -7.55
C VAL A 360 6.70 11.50 -8.44
N ALA A 361 5.61 11.70 -9.21
CA ALA A 361 5.44 12.91 -10.00
C ALA A 361 4.63 13.91 -9.19
N LEU A 362 5.19 15.12 -9.13
CA LEU A 362 4.64 16.25 -8.38
C LEU A 362 4.17 17.31 -9.36
N ARG A 363 2.85 17.58 -9.39
CA ARG A 363 2.27 18.62 -10.23
C ARG A 363 2.40 19.94 -9.53
N VAL A 364 2.97 20.91 -10.21
CA VAL A 364 3.26 22.25 -9.67
C VAL A 364 2.26 23.27 -10.16
N ASP A 365 1.74 24.07 -9.22
CA ASP A 365 0.98 25.24 -9.52
C ASP A 365 1.99 26.31 -9.99
N THR A 366 2.11 26.49 -11.31
CA THR A 366 3.19 27.30 -11.82
C THR A 366 2.89 28.80 -11.68
N GLU A 367 1.64 29.22 -11.50
CA GLU A 367 1.38 30.62 -11.14
C GLU A 367 2.08 30.91 -9.81
N LYS A 368 1.86 30.02 -8.84
CA LYS A 368 2.51 30.20 -7.54
C LYS A 368 4.03 30.11 -7.66
N LEU A 369 4.52 29.16 -8.47
CA LEU A 369 5.97 29.05 -8.67
C LEU A 369 6.54 30.38 -9.20
N ARG A 370 5.90 30.94 -10.23
CA ARG A 370 6.40 32.21 -10.79
C ARG A 370 6.51 33.29 -9.74
N ALA A 371 5.55 33.35 -8.81
CA ALA A 371 5.63 34.38 -7.78
C ALA A 371 6.77 34.15 -6.79
N MET A 372 7.30 32.93 -6.69
CA MET A 372 8.43 32.66 -5.83
C MET A 372 9.74 33.23 -6.40
N LYS A 373 9.78 33.56 -7.70
CA LYS A 373 10.98 34.15 -8.29
C LYS A 373 12.24 33.34 -7.96
N THR A 374 12.19 32.07 -8.29
CA THR A 374 13.24 31.12 -7.97
C THR A 374 13.80 30.49 -9.24
N THR A 375 14.62 29.49 -9.06
CA THR A 375 15.27 28.78 -10.16
C THR A 375 15.15 27.29 -9.96
N SER A 376 15.46 26.54 -11.05
CA SER A 376 15.37 25.10 -10.95
C SER A 376 16.24 24.50 -9.87
N GLU A 377 17.52 24.92 -9.85
N GLU A 377 17.51 24.92 -9.80
CA GLU A 377 18.48 24.40 -8.86
CA GLU A 377 18.40 24.28 -8.85
C GLU A 377 17.95 24.61 -7.43
C GLU A 377 18.01 24.62 -7.40
N GLY A 378 17.54 25.84 -7.16
CA GLY A 378 17.04 26.14 -5.83
C GLY A 378 15.79 25.37 -5.49
N PHE A 379 14.83 25.30 -6.42
CA PHE A 379 13.57 24.67 -6.14
C PHE A 379 13.73 23.15 -5.98
N ARG A 380 14.55 22.54 -6.87
CA ARG A 380 14.83 21.09 -6.76
C ARG A 380 15.39 20.75 -5.43
N LYS A 381 16.36 21.56 -4.95
CA LYS A 381 16.97 21.27 -3.66
C LYS A 381 15.96 21.38 -2.54
N ARG A 382 15.13 22.41 -2.61
CA ARG A 382 14.13 22.59 -1.54
C ARG A 382 13.16 21.40 -1.47
N VAL A 383 12.67 20.99 -2.65
CA VAL A 383 11.67 19.91 -2.71
C VAL A 383 12.35 18.61 -2.21
N GLY A 384 13.55 18.28 -2.72
CA GLY A 384 14.18 17.05 -2.31
C GLY A 384 14.53 17.06 -0.81
N ASP A 385 14.96 18.19 -0.28
CA ASP A 385 15.24 18.25 1.15
C ASP A 385 13.97 17.91 1.97
N VAL A 386 12.83 18.51 1.59
CA VAL A 386 11.57 18.26 2.33
C VAL A 386 11.23 16.76 2.25
N VAL A 387 11.21 16.21 1.06
CA VAL A 387 10.65 14.87 0.88
C VAL A 387 11.63 13.75 1.30
N PHE A 388 12.88 13.89 0.85
CA PHE A 388 13.83 12.79 1.06
C PHE A 388 14.35 12.73 2.50
N ASN A 389 14.15 13.80 3.28
CA ASN A 389 14.49 13.78 4.70
C ASN A 389 13.31 13.31 5.56
N HIS A 390 12.19 12.96 4.98
CA HIS A 390 11.00 12.58 5.74
C HIS A 390 10.69 11.11 5.49
N LYS A 391 10.09 10.46 6.50
CA LYS A 391 9.66 9.08 6.35
C LYS A 391 8.70 8.87 5.17
N ALA A 392 7.84 9.85 4.82
CA ALA A 392 6.89 9.65 3.77
C ALA A 392 7.64 9.47 2.41
N GLY A 393 8.86 10.01 2.32
CA GLY A 393 9.68 9.85 1.14
C GLY A 393 10.50 8.59 1.06
N TYR A 394 10.47 7.73 2.09
CA TYR A 394 11.37 6.59 2.19
C TYR A 394 11.43 5.72 0.94
N THR A 395 10.25 5.32 0.44
CA THR A 395 10.19 4.35 -0.65
C THR A 395 10.51 4.96 -2.02
N ILE A 396 10.59 6.31 -2.10
CA ILE A 396 10.64 7.01 -3.37
C ILE A 396 12.05 7.48 -3.66
N HIS A 397 12.57 7.06 -4.81
CA HIS A 397 13.95 7.40 -5.16
C HIS A 397 14.05 8.50 -6.25
N ARG A 398 12.98 8.80 -6.98
CA ARG A 398 13.05 9.85 -7.99
C ARG A 398 11.76 10.67 -7.86
N LEU A 399 11.93 12.00 -7.71
CA LEU A 399 10.80 12.92 -7.79
C LEU A 399 10.86 13.59 -9.15
N VAL A 400 9.73 13.70 -9.85
CA VAL A 400 9.67 14.37 -11.13
C VAL A 400 8.73 15.55 -10.99
N LEU A 401 9.27 16.77 -11.15
CA LEU A 401 8.49 18.00 -11.08
C LEU A 401 7.89 18.29 -12.46
N VAL A 402 6.56 18.49 -12.52
CA VAL A 402 5.89 18.78 -13.80
C VAL A 402 4.97 19.96 -13.63
N GLY A 403 4.76 20.70 -14.71
CA GLY A 403 3.82 21.81 -14.65
C GLY A 403 2.35 21.39 -14.80
N ASP A 404 1.51 22.43 -14.83
CA ASP A 404 0.05 22.26 -14.68
C ASP A 404 -0.59 21.53 -15.82
N ASP A 405 0.08 21.43 -16.96
CA ASP A 405 -0.57 20.72 -18.08
C ASP A 405 -0.55 19.20 -17.93
N ILE A 406 0.26 18.68 -17.03
CA ILE A 406 0.42 17.23 -16.88
C ILE A 406 -0.48 16.65 -15.80
N ASP A 407 -1.21 15.62 -16.16
CA ASP A 407 -2.02 14.86 -15.22
C ASP A 407 -1.09 13.78 -14.64
N VAL A 408 -0.69 13.96 -13.38
CA VAL A 408 0.27 13.03 -12.79
C VAL A 408 -0.30 11.61 -12.58
N TYR A 409 -1.61 11.46 -12.64
CA TYR A 409 -2.25 10.17 -12.51
C TYR A 409 -2.18 9.38 -13.81
N GLU A 410 -1.65 9.99 -14.88
CA GLU A 410 -1.54 9.35 -16.21
C GLU A 410 -0.06 9.11 -16.48
N GLY A 411 0.37 7.87 -16.36
CA GLY A 411 1.81 7.57 -16.49
C GLY A 411 2.36 7.94 -17.87
N LYS A 412 1.55 7.80 -18.92
N LYS A 412 1.57 7.76 -18.92
CA LYS A 412 2.01 8.16 -20.29
CA LYS A 412 2.08 8.10 -20.23
C LYS A 412 2.40 9.63 -20.36
C LYS A 412 2.46 9.59 -20.28
N ASP A 413 1.66 10.48 -19.66
CA ASP A 413 1.93 11.91 -19.72
C ASP A 413 3.11 12.28 -18.83
N VAL A 414 3.26 11.60 -17.67
CA VAL A 414 4.44 11.78 -16.84
C VAL A 414 5.71 11.38 -17.62
N LEU A 415 5.63 10.24 -18.31
N LEU A 415 5.66 10.23 -18.31
CA LEU A 415 6.81 9.75 -19.06
CA LEU A 415 6.87 9.79 -19.05
C LEU A 415 7.16 10.70 -20.20
C LEU A 415 7.18 10.74 -20.21
N TRP A 416 6.15 11.22 -20.90
CA TRP A 416 6.37 12.22 -21.94
C TRP A 416 7.07 13.46 -21.38
N ALA A 417 6.52 14.02 -20.31
CA ALA A 417 7.14 15.18 -19.71
C ALA A 417 8.57 14.94 -19.21
N PHE A 418 8.80 13.84 -18.49
CA PHE A 418 10.11 13.50 -18.00
C PHE A 418 11.12 13.44 -19.15
N SER A 419 10.70 12.75 -20.23
N SER A 419 10.74 12.72 -20.21
CA SER A 419 11.59 12.42 -21.33
CA SER A 419 11.67 12.40 -21.29
C SER A 419 11.93 13.64 -22.21
C SER A 419 11.93 13.63 -22.21
N THR A 420 11.05 14.65 -22.19
CA THR A 420 11.19 15.79 -23.10
C THR A 420 11.53 17.12 -22.42
N ARG A 421 11.34 17.23 -21.10
CA ARG A 421 11.48 18.49 -20.40
C ARG A 421 12.62 18.50 -19.37
N CYS A 422 13.15 17.31 -18.98
CA CYS A 422 14.21 17.26 -17.96
C CYS A 422 15.53 16.83 -18.64
N ARG A 423 16.47 17.78 -18.73
CA ARG A 423 17.80 17.49 -19.30
C ARG A 423 18.58 16.63 -18.32
N PRO A 424 18.99 15.43 -18.69
CA PRO A 424 19.76 14.57 -17.76
C PRO A 424 20.93 15.31 -17.18
N GLY A 425 21.17 15.20 -15.87
CA GLY A 425 22.32 15.87 -15.23
C GLY A 425 21.97 17.27 -14.85
N MET A 426 21.97 18.18 -15.81
CA MET A 426 21.81 19.58 -15.55
C MET A 426 20.52 19.93 -14.84
N ASP A 427 19.42 19.25 -15.20
CA ASP A 427 18.10 19.57 -14.63
C ASP A 427 17.76 18.64 -13.46
N GLU A 428 18.79 18.03 -12.86
CA GLU A 428 18.60 17.07 -11.79
C GLU A 428 19.51 17.40 -10.63
N THR A 429 19.05 17.04 -9.41
CA THR A 429 19.90 17.09 -8.21
C THR A 429 19.90 15.73 -7.57
N LEU A 430 21.10 15.17 -7.39
CA LEU A 430 21.28 13.90 -6.73
C LEU A 430 21.42 14.09 -5.21
N PHE A 431 20.88 13.16 -4.44
CA PHE A 431 20.88 13.16 -2.97
C PHE A 431 21.53 11.85 -2.49
N GLU A 432 22.78 11.93 -2.02
CA GLU A 432 23.47 10.77 -1.57
C GLU A 432 23.44 10.60 -0.06
N ASP A 433 23.05 11.66 0.68
CA ASP A 433 23.08 11.68 2.14
C ASP A 433 21.65 11.74 2.70
N VAL A 434 20.85 10.83 2.23
CA VAL A 434 19.48 10.59 2.67
C VAL A 434 19.32 9.08 2.84
N ARG A 435 18.29 8.69 3.59
CA ARG A 435 18.00 7.24 3.73
C ARG A 435 17.52 6.70 2.39
N GLY A 436 18.10 5.57 2.00
CA GLY A 436 17.67 4.85 0.81
C GLY A 436 16.85 3.63 1.15
N PHE A 437 16.13 3.12 0.12
CA PHE A 437 15.21 1.97 0.29
C PHE A 437 15.88 0.70 -0.19
N PRO A 438 16.33 -0.17 0.72
CA PRO A 438 17.10 -1.32 0.27
C PRO A 438 16.36 -2.29 -0.61
N GLY A 439 15.04 -2.35 -0.49
CA GLY A 439 14.29 -3.31 -1.29
C GLY A 439 14.35 -3.06 -2.79
N ILE A 440 14.65 -1.84 -3.23
CA ILE A 440 14.89 -1.65 -4.66
C ILE A 440 16.16 -2.39 -5.02
N PRO A 441 16.18 -3.23 -6.06
CA PRO A 441 17.37 -4.03 -6.35
C PRO A 441 18.66 -3.22 -6.51
N TYR A 442 18.55 -2.06 -7.15
CA TYR A 442 19.79 -1.27 -7.37
C TYR A 442 20.33 -0.66 -6.06
N MET A 443 19.55 -0.79 -4.96
CA MET A 443 20.00 -0.40 -3.61
C MET A 443 20.56 -1.63 -2.90
N GLY A 444 19.71 -2.52 -2.41
CA GLY A 444 20.18 -3.61 -1.58
C GLY A 444 21.04 -4.65 -2.26
N HIS A 445 20.88 -4.78 -3.59
CA HIS A 445 21.67 -5.73 -4.38
C HIS A 445 22.48 -4.97 -5.45
N GLY A 446 22.80 -3.69 -5.20
CA GLY A 446 23.43 -2.87 -6.18
C GLY A 446 24.88 -2.56 -5.90
N ASN A 447 25.38 -1.50 -6.53
CA ASN A 447 26.79 -1.14 -6.52
C ASN A 447 27.23 -0.21 -5.38
N GLY A 448 26.24 0.33 -4.63
CA GLY A 448 26.56 1.25 -3.59
C GLY A 448 25.93 0.86 -2.25
N PRO A 449 25.96 1.78 -1.29
CA PRO A 449 25.41 1.52 0.05
C PRO A 449 23.92 1.16 -0.04
N ALA A 450 23.52 0.06 0.63
CA ALA A 450 22.14 -0.39 0.55
C ALA A 450 21.17 0.60 1.17
N HIS A 451 21.60 1.35 2.19
CA HIS A 451 20.71 2.11 3.05
C HIS A 451 20.85 3.62 2.87
N ARG A 452 21.68 4.08 1.94
CA ARG A 452 21.97 5.49 1.82
C ARG A 452 22.05 5.93 0.37
N GLY A 453 21.42 7.04 0.08
CA GLY A 453 21.63 7.69 -1.21
C GLY A 453 20.80 7.06 -2.33
N GLY A 454 21.25 7.40 -3.55
CA GLY A 454 20.60 6.88 -4.76
C GLY A 454 19.30 7.60 -5.06
N LYS A 455 19.11 8.83 -4.60
CA LYS A 455 17.88 9.56 -4.83
C LYS A 455 18.14 10.76 -5.71
N VAL A 456 17.08 11.23 -6.39
CA VAL A 456 17.22 12.31 -7.36
C VAL A 456 15.93 13.12 -7.47
N VAL A 457 16.07 14.44 -7.63
CA VAL A 457 14.96 15.27 -8.07
C VAL A 457 15.21 15.65 -9.54
N SER A 458 14.28 15.25 -10.39
CA SER A 458 14.35 15.53 -11.83
C SER A 458 13.33 16.62 -12.17
N ASP A 459 13.84 17.75 -12.61
CA ASP A 459 12.97 18.90 -12.89
C ASP A 459 12.49 18.89 -14.36
N ALA A 460 11.23 18.53 -14.56
CA ALA A 460 10.59 18.56 -15.84
C ALA A 460 9.74 19.81 -16.03
N LEU A 461 9.97 20.84 -15.23
CA LEU A 461 9.48 22.19 -15.52
C LEU A 461 10.38 22.85 -16.55
N MET A 462 9.79 23.48 -17.55
CA MET A 462 10.55 24.21 -18.57
C MET A 462 10.94 25.58 -18.05
N PRO A 463 11.97 26.21 -18.67
CA PRO A 463 12.49 27.45 -18.09
C PRO A 463 11.46 28.54 -17.88
N THR A 464 10.58 28.76 -18.84
CA THR A 464 9.67 29.89 -18.71
C THR A 464 8.59 29.61 -17.67
N GLU A 465 8.44 28.37 -17.21
CA GLU A 465 7.48 28.08 -16.17
C GLU A 465 7.87 28.76 -14.85
N TYR A 466 9.15 29.09 -14.69
CA TYR A 466 9.66 29.82 -13.51
C TYR A 466 9.49 31.32 -13.67
N THR A 467 9.29 31.85 -14.89
CA THR A 467 9.40 33.27 -15.15
C THR A 467 8.08 33.83 -15.67
N THR A 468 7.80 33.68 -16.98
CA THR A 468 6.72 34.39 -17.63
C THR A 468 5.54 33.48 -18.01
N GLY A 469 5.70 32.16 -17.97
CA GLY A 469 4.61 31.23 -18.29
C GLY A 469 5.00 30.27 -19.41
N ARG A 470 4.28 29.18 -19.50
CA ARG A 470 4.43 28.20 -20.59
C ARG A 470 4.49 28.90 -21.93
N ASN A 471 5.43 28.47 -22.79
CA ASN A 471 5.69 29.10 -24.07
C ASN A 471 5.57 28.14 -25.25
N TRP A 472 4.92 27.01 -25.04
CA TRP A 472 4.67 26.05 -26.09
C TRP A 472 3.18 25.70 -26.12
N GLU A 473 2.79 25.02 -27.19
CA GLU A 473 1.55 24.27 -27.30
C GLU A 473 1.94 22.84 -27.66
N ALA A 474 1.20 21.84 -27.19
CA ALA A 474 1.49 20.46 -27.60
C ALA A 474 1.08 20.28 -29.08
N ALA A 475 1.88 19.45 -29.76
CA ALA A 475 1.57 18.97 -31.11
C ALA A 475 0.69 17.70 -30.96
N ASP A 476 -0.52 17.92 -30.49
CA ASP A 476 -1.49 16.88 -30.29
C ASP A 476 -2.84 17.36 -30.84
N PHE A 477 -3.77 16.40 -30.90
CA PHE A 477 -5.09 16.74 -31.39
C PHE A 477 -5.73 17.84 -30.55
N ASN A 478 -5.56 17.70 -29.22
CA ASN A 478 -6.22 18.65 -28.28
C ASN A 478 -5.75 20.08 -28.49
N GLN A 479 -4.43 20.27 -28.61
CA GLN A 479 -3.87 21.62 -28.53
C GLN A 479 -3.48 22.25 -29.85
N SER A 480 -3.42 21.47 -30.92
N SER A 480 -3.32 21.44 -30.93
CA SER A 480 -2.88 22.02 -32.13
CA SER A 480 -2.88 21.96 -32.28
C SER A 480 -3.97 22.27 -33.20
C SER A 480 -4.00 22.45 -33.19
N TYR A 481 -5.25 22.24 -32.78
CA TYR A 481 -6.40 22.48 -33.66
C TYR A 481 -7.45 23.26 -32.89
N PRO A 482 -8.15 24.22 -33.51
CA PRO A 482 -9.22 24.96 -32.84
C PRO A 482 -10.39 24.07 -32.43
N GLU A 483 -11.15 24.58 -31.43
CA GLU A 483 -12.27 23.84 -30.89
C GLU A 483 -13.30 23.46 -31.93
N ASP A 484 -13.67 24.39 -32.81
CA ASP A 484 -14.73 24.06 -33.77
C ASP A 484 -14.30 22.93 -34.70
N LEU A 485 -13.04 22.94 -35.13
CA LEU A 485 -12.53 21.93 -36.03
C LEU A 485 -12.46 20.58 -35.32
N LYS A 486 -11.98 20.59 -34.09
CA LYS A 486 -11.92 19.33 -33.34
C LYS A 486 -13.30 18.68 -33.24
N GLN A 487 -14.31 19.50 -32.91
CA GLN A 487 -15.67 18.96 -32.76
C GLN A 487 -16.21 18.43 -34.10
N LYS A 488 -15.90 19.15 -35.18
CA LYS A 488 -16.33 18.69 -36.49
C LYS A 488 -15.75 17.31 -36.80
N VAL A 489 -14.44 17.17 -36.55
CA VAL A 489 -13.79 15.91 -36.74
C VAL A 489 -14.42 14.77 -35.94
N LEU A 490 -14.65 15.08 -34.67
CA LEU A 490 -15.29 14.07 -33.82
C LEU A 490 -16.69 13.72 -34.34
N ASP A 491 -17.45 14.76 -34.70
CA ASP A 491 -18.83 14.55 -35.13
C ASP A 491 -18.92 13.71 -36.41
N ASN A 492 -17.91 13.86 -37.27
CA ASN A 492 -17.93 13.19 -38.56
C ASN A 492 -17.12 11.89 -38.59
N TRP A 493 -16.54 11.48 -37.44
CA TRP A 493 -15.54 10.40 -37.37
C TRP A 493 -16.10 9.08 -37.91
N THR A 494 -17.22 8.62 -37.37
CA THR A 494 -17.74 7.31 -37.81
C THR A 494 -18.30 7.43 -39.23
N LYS A 495 -18.92 8.58 -39.60
CA LYS A 495 -19.49 8.83 -40.93
C LYS A 495 -18.40 8.64 -41.97
N MET A 496 -17.21 9.18 -41.67
CA MET A 496 -16.08 9.15 -42.64
C MET A 496 -15.59 7.70 -42.84
N GLY A 497 -15.72 6.86 -41.80
CA GLY A 497 -15.31 5.42 -41.76
C GLY A 497 -14.34 5.01 -40.68
N PHE A 498 -14.04 5.82 -39.70
CA PHE A 498 -13.07 5.49 -38.66
C PHE A 498 -13.81 4.78 -37.51
N SER A 499 -13.05 4.41 -36.46
N SER A 499 -13.06 4.27 -36.51
N SER A 499 -13.10 4.39 -36.43
CA SER A 499 -13.55 3.97 -35.15
CA SER A 499 -13.67 3.56 -35.37
CA SER A 499 -13.67 3.57 -35.34
C SER A 499 -12.62 2.90 -34.53
C SER A 499 -13.91 4.54 -34.22
C SER A 499 -13.92 4.41 -34.08
N HIS A 503 -16.78 2.11 -25.83
CA HIS A 503 -17.73 2.79 -24.90
C HIS A 503 -17.06 3.00 -23.53
N HIS A 504 -17.42 4.09 -22.87
CA HIS A 504 -16.78 4.47 -21.63
C HIS A 504 -16.84 3.34 -20.58
N HIS A 505 -18.00 2.70 -20.41
CA HIS A 505 -18.18 1.70 -19.29
C HIS A 505 -17.70 0.26 -19.64
N HIS A 506 -17.15 0.02 -20.85
CA HIS A 506 -16.71 -1.32 -21.30
#